data_1OHS
#
_entry.id   1OHS
#
_cell.length_a   39.418
_cell.length_b   95.616
_cell.length_c   60.698
_cell.angle_alpha   90.00
_cell.angle_beta   90.88
_cell.angle_gamma   90.00
#
_symmetry.space_group_name_H-M   'P 1 21 1'
#
loop_
_entity.id
_entity.type
_entity.pdbx_description
1 polymer 'STEROID DELTA-ISOMERASE'
2 non-polymer 5ALPHA-ANDROSTAN-3,17-DIONE
3 water water
#
_entity_poly.entity_id   1
_entity_poly.type   'polypeptide(L)'
_entity_poly.pdbx_seq_one_letter_code
;MNTPEHMTAVVQRFVAALNAGDLDGIVALFADDATVENPVGSEPRSGTAAIREFYANSLKLPLAVELTQEVRAVANEAAF
AFIVSFEYQGRKTVVAPIDHFRFNGAGKVVSMRALFGEKNIHAGA
;
_entity_poly.pdbx_strand_id   A,B,C,D
#
loop_
_chem_comp.id
_chem_comp.type
_chem_comp.name
_chem_comp.formula
5SD non-polymer 5ALPHA-ANDROSTAN-3,17-DIONE 'C19 H28 O2'
#
# COMPACT_ATOMS: atom_id res chain seq x y z
N MET A 1 -2.66 -7.41 -23.71
CA MET A 1 -3.09 -8.45 -22.72
C MET A 1 -1.85 -9.24 -22.26
N ASN A 2 -1.50 -9.08 -20.99
CA ASN A 2 -0.34 -9.77 -20.41
C ASN A 2 -0.57 -11.22 -20.04
N THR A 3 -0.14 -12.12 -20.91
CA THR A 3 -0.28 -13.54 -20.64
C THR A 3 1.01 -14.02 -19.98
N PRO A 4 0.94 -15.10 -19.19
CA PRO A 4 2.17 -15.57 -18.56
C PRO A 4 3.18 -15.93 -19.64
N GLU A 5 2.66 -16.44 -20.76
CA GLU A 5 3.52 -16.83 -21.89
C GLU A 5 4.32 -15.63 -22.37
N HIS A 6 3.66 -14.49 -22.53
CA HIS A 6 4.34 -13.28 -23.01
C HIS A 6 5.42 -12.81 -22.03
N MET A 7 5.09 -12.76 -20.75
CA MET A 7 6.04 -12.29 -19.74
C MET A 7 7.24 -13.22 -19.63
N THR A 8 6.98 -14.52 -19.72
CA THR A 8 8.04 -15.51 -19.65
C THR A 8 8.97 -15.36 -20.87
N ALA A 9 8.37 -15.13 -22.04
CA ALA A 9 9.16 -14.96 -23.26
C ALA A 9 10.02 -13.71 -23.15
N VAL A 10 9.49 -12.69 -22.49
CA VAL A 10 10.25 -11.45 -22.31
C VAL A 10 11.47 -11.67 -21.42
N VAL A 11 11.30 -12.47 -20.36
CA VAL A 11 12.41 -12.76 -19.47
C VAL A 11 13.50 -13.45 -20.29
N GLN A 12 13.10 -14.38 -21.15
CA GLN A 12 14.04 -15.11 -22.00
C GLN A 12 14.77 -14.15 -22.94
N ARG A 13 14.05 -13.19 -23.50
CA ARG A 13 14.66 -12.22 -24.41
C ARG A 13 15.63 -11.31 -23.64
N PHE A 14 15.29 -10.99 -22.40
CA PHE A 14 16.12 -10.15 -21.54
C PHE A 14 17.45 -10.87 -21.30
N VAL A 15 17.38 -12.12 -20.84
CA VAL A 15 18.57 -12.90 -20.59
C VAL A 15 19.41 -13.05 -21.85
N ALA A 16 18.75 -13.31 -22.97
CA ALA A 16 19.45 -13.48 -24.24
C ALA A 16 20.15 -12.19 -24.67
N ALA A 17 19.50 -11.05 -24.45
CA ALA A 17 20.07 -9.77 -24.84
C ALA A 17 21.33 -9.47 -24.01
N LEU A 18 21.30 -9.79 -22.72
CA LEU A 18 22.46 -9.58 -21.86
C LEU A 18 23.63 -10.42 -22.37
N ASN A 19 23.36 -11.68 -22.68
CA ASN A 19 24.40 -12.57 -23.18
C ASN A 19 25.02 -12.10 -24.50
N ALA A 20 24.18 -11.53 -25.36
CA ALA A 20 24.64 -11.04 -26.65
C ALA A 20 25.22 -9.63 -26.56
N GLY A 21 25.00 -8.98 -25.43
CA GLY A 21 25.49 -7.62 -25.27
C GLY A 21 24.69 -6.72 -26.20
N ASP A 22 23.43 -7.11 -26.44
CA ASP A 22 22.55 -6.33 -27.30
C ASP A 22 21.82 -5.28 -26.48
N LEU A 23 22.45 -4.11 -26.39
CA LEU A 23 21.93 -2.98 -25.64
C LEU A 23 20.54 -2.51 -26.06
N ASP A 24 20.34 -2.29 -27.37
CA ASP A 24 19.04 -1.84 -27.86
C ASP A 24 17.97 -2.87 -27.55
N GLY A 25 18.32 -4.14 -27.75
CA GLY A 25 17.39 -5.22 -27.49
C GLY A 25 16.91 -5.20 -26.06
N ILE A 26 17.82 -5.00 -25.12
CA ILE A 26 17.44 -4.94 -23.72
C ILE A 26 16.49 -3.78 -23.46
N VAL A 27 16.89 -2.59 -23.90
CA VAL A 27 16.09 -1.39 -23.69
C VAL A 27 14.70 -1.46 -24.31
N ALA A 28 14.58 -2.17 -25.43
CA ALA A 28 13.32 -2.30 -26.14
C ALA A 28 12.22 -3.00 -25.35
N LEU A 29 12.61 -3.79 -24.33
CA LEU A 29 11.64 -4.52 -23.52
C LEU A 29 11.00 -3.65 -22.45
N PHE A 30 11.63 -2.51 -22.18
CA PHE A 30 11.14 -1.58 -21.15
C PHE A 30 10.29 -0.46 -21.71
N ALA A 31 9.35 0.02 -20.91
CA ALA A 31 8.48 1.12 -21.30
C ALA A 31 9.33 2.39 -21.28
N ASP A 32 8.84 3.44 -21.92
CA ASP A 32 9.55 4.71 -21.97
C ASP A 32 9.83 5.28 -20.59
N ASP A 33 8.86 5.11 -19.69
CA ASP A 33 8.96 5.63 -18.33
C ASP A 33 9.26 4.53 -17.31
N ALA A 34 9.84 3.42 -17.78
CA ALA A 34 10.18 2.31 -16.91
C ALA A 34 11.20 2.73 -15.86
N THR A 35 11.25 1.96 -14.77
CA THR A 35 12.19 2.21 -13.69
C THR A 35 12.98 0.94 -13.43
N VAL A 36 14.26 1.10 -13.12
CA VAL A 36 15.14 -0.02 -12.83
C VAL A 36 15.81 0.24 -11.49
N GLU A 37 15.59 -0.66 -10.53
CA GLU A 37 16.18 -0.51 -9.21
C GLU A 37 17.22 -1.60 -9.01
N ASN A 38 18.49 -1.21 -9.10
CA ASN A 38 19.60 -2.13 -8.94
C ASN A 38 20.72 -1.57 -8.11
N PRO A 39 20.96 -2.14 -6.92
CA PRO A 39 20.18 -3.28 -6.43
C PRO A 39 19.01 -2.71 -5.64
N VAL A 40 18.14 -3.59 -5.14
CA VAL A 40 17.03 -3.16 -4.33
C VAL A 40 17.62 -2.34 -3.17
N GLY A 41 16.99 -1.20 -2.87
CA GLY A 41 17.48 -0.36 -1.79
C GLY A 41 18.17 0.90 -2.28
N SER A 42 18.47 0.94 -3.58
CA SER A 42 19.13 2.09 -4.18
C SER A 42 18.13 2.93 -4.94
N GLU A 43 18.51 4.16 -5.27
CA GLU A 43 17.63 5.04 -6.02
C GLU A 43 17.35 4.44 -7.38
N PRO A 44 16.07 4.26 -7.73
CA PRO A 44 15.68 3.69 -9.02
C PRO A 44 16.07 4.58 -10.19
N ARG A 45 16.50 3.96 -11.29
CA ARG A 45 16.82 4.71 -12.51
C ARG A 45 15.47 4.87 -13.20
N SER A 46 15.20 6.04 -13.78
CA SER A 46 13.93 6.26 -14.46
C SER A 46 14.10 6.81 -15.86
N GLY A 47 13.36 6.23 -16.80
CA GLY A 47 13.43 6.69 -18.18
C GLY A 47 14.35 5.89 -19.08
N THR A 48 14.08 5.95 -20.38
CA THR A 48 14.87 5.25 -21.38
C THR A 48 16.35 5.60 -21.34
N ALA A 49 16.64 6.90 -21.22
CA ALA A 49 18.03 7.36 -21.18
C ALA A 49 18.81 6.76 -20.03
N ALA A 50 18.24 6.83 -18.83
CA ALA A 50 18.89 6.30 -17.63
C ALA A 50 19.05 4.78 -17.70
N ILE A 51 18.03 4.10 -18.22
CA ILE A 51 18.06 2.65 -18.34
C ILE A 51 19.14 2.22 -19.32
N ARG A 52 19.25 2.93 -20.43
CA ARG A 52 20.26 2.61 -21.43
C ARG A 52 21.66 2.77 -20.84
N GLU A 53 21.86 3.84 -20.08
CA GLU A 53 23.14 4.11 -19.47
C GLU A 53 23.51 2.99 -18.50
N PHE A 54 22.55 2.61 -17.66
CA PHE A 54 22.77 1.55 -16.68
C PHE A 54 23.24 0.27 -17.35
N TYR A 55 22.50 -0.17 -18.37
CA TYR A 55 22.88 -1.41 -19.04
C TYR A 55 24.18 -1.30 -19.82
N ALA A 56 24.50 -0.11 -20.30
CA ALA A 56 25.74 0.09 -21.05
C ALA A 56 26.91 -0.19 -20.11
N ASN A 57 26.85 0.39 -18.92
CA ASN A 57 27.92 0.19 -17.94
C ASN A 57 27.92 -1.24 -17.41
N SER A 58 26.73 -1.82 -17.30
CA SER A 58 26.57 -3.17 -16.80
C SER A 58 27.08 -4.21 -17.77
N LEU A 59 27.27 -3.82 -19.03
CA LEU A 59 27.76 -4.73 -20.05
C LEU A 59 29.20 -4.50 -20.47
N LYS A 60 29.88 -3.56 -19.82
CA LYS A 60 31.28 -3.29 -20.17
C LYS A 60 32.10 -4.57 -20.11
N LEU A 61 31.78 -5.43 -19.15
CA LEU A 61 32.46 -6.70 -18.97
C LEU A 61 31.53 -7.80 -19.50
N PRO A 62 32.03 -8.68 -20.36
CA PRO A 62 31.23 -9.77 -20.94
C PRO A 62 30.53 -10.61 -19.86
N LEU A 63 29.21 -10.77 -20.01
CA LEU A 63 28.44 -11.51 -19.02
C LEU A 63 27.81 -12.79 -19.54
N ALA A 64 27.88 -13.83 -18.71
CA ALA A 64 27.25 -15.10 -19.01
C ALA A 64 26.05 -15.08 -18.07
N VAL A 65 24.86 -14.90 -18.62
CA VAL A 65 23.64 -14.84 -17.82
C VAL A 65 22.81 -16.10 -18.06
N GLU A 66 22.37 -16.73 -16.98
CA GLU A 66 21.59 -17.96 -17.10
C GLU A 66 20.44 -18.10 -16.13
N LEU A 67 19.28 -18.47 -16.65
CA LEU A 67 18.12 -18.73 -15.81
C LEU A 67 18.44 -20.06 -15.12
N THR A 68 18.35 -20.08 -13.79
CA THR A 68 18.67 -21.29 -13.04
C THR A 68 17.46 -22.11 -12.62
N GLN A 69 16.28 -21.55 -12.82
CA GLN A 69 15.02 -22.21 -12.49
C GLN A 69 13.96 -21.68 -13.42
N GLU A 70 12.79 -22.31 -13.40
CA GLU A 70 11.68 -21.90 -14.25
C GLU A 70 11.24 -20.49 -13.88
N VAL A 71 10.64 -19.79 -14.84
CA VAL A 71 10.16 -18.44 -14.58
C VAL A 71 8.79 -18.48 -13.89
N ARG A 72 8.61 -17.59 -12.92
CA ARG A 72 7.34 -17.47 -12.22
C ARG A 72 6.63 -16.28 -12.85
N ALA A 73 5.38 -16.48 -13.28
CA ALA A 73 4.65 -15.39 -13.92
C ALA A 73 3.15 -15.47 -13.62
N VAL A 74 2.58 -14.33 -13.23
CA VAL A 74 1.15 -14.29 -12.92
C VAL A 74 0.73 -12.82 -12.75
N ALA A 75 -0.53 -12.55 -13.06
CA ALA A 75 -1.08 -11.19 -12.94
C ALA A 75 -0.14 -10.02 -13.28
N ASN A 76 0.30 -9.96 -14.52
CA ASN A 76 1.17 -8.87 -14.98
C ASN A 76 2.52 -8.74 -14.27
N GLU A 77 2.95 -9.80 -13.60
CA GLU A 77 4.23 -9.77 -12.91
C GLU A 77 4.99 -11.08 -13.12
N ALA A 78 6.32 -10.98 -13.06
CA ALA A 78 7.16 -12.15 -13.21
C ALA A 78 8.39 -12.03 -12.31
N ALA A 79 8.89 -13.16 -11.84
CA ALA A 79 10.09 -13.16 -11.01
C ALA A 79 10.92 -14.34 -11.48
N PHE A 80 12.24 -14.16 -11.45
CA PHE A 80 13.12 -15.23 -11.88
C PHE A 80 14.45 -15.25 -11.15
N ALA A 81 14.97 -16.46 -10.97
CA ALA A 81 16.25 -16.70 -10.32
C ALA A 81 17.25 -16.96 -11.44
N PHE A 82 18.46 -16.43 -11.29
CA PHE A 82 19.47 -16.59 -12.33
C PHE A 82 20.83 -16.25 -11.77
N ILE A 83 21.85 -16.38 -12.61
CA ILE A 83 23.20 -16.02 -12.21
C ILE A 83 23.81 -15.18 -13.31
N VAL A 84 24.80 -14.39 -12.93
CA VAL A 84 25.53 -13.52 -13.82
C VAL A 84 26.99 -13.81 -13.52
N SER A 85 27.73 -14.26 -14.53
CA SER A 85 29.13 -14.59 -14.32
C SER A 85 30.04 -13.74 -15.17
N PHE A 86 31.18 -13.37 -14.59
CA PHE A 86 32.15 -12.55 -15.29
C PHE A 86 33.51 -12.70 -14.65
N GLU A 87 34.54 -12.17 -15.31
CA GLU A 87 35.89 -12.26 -14.80
C GLU A 87 36.70 -11.01 -15.09
N TYR A 88 37.62 -10.71 -14.18
CA TYR A 88 38.48 -9.55 -14.30
C TYR A 88 39.73 -9.83 -13.49
N GLN A 89 40.89 -9.69 -14.13
CA GLN A 89 42.17 -9.94 -13.48
C GLN A 89 42.27 -11.37 -12.95
N GLY A 90 41.86 -12.33 -13.78
CA GLY A 90 41.92 -13.73 -13.40
C GLY A 90 41.05 -14.10 -12.21
N ARG A 91 40.13 -13.20 -11.85
CA ARG A 91 39.24 -13.44 -10.71
C ARG A 91 37.81 -13.63 -11.20
N LYS A 92 37.25 -14.81 -10.93
CA LYS A 92 35.88 -15.13 -11.35
C LYS A 92 34.83 -14.75 -10.31
N THR A 93 33.72 -14.20 -10.78
CA THR A 93 32.64 -13.81 -9.90
C THR A 93 31.29 -14.31 -10.44
N VAL A 94 30.45 -14.79 -9.55
CA VAL A 94 29.13 -15.27 -9.92
C VAL A 94 28.15 -14.58 -8.99
N VAL A 95 27.22 -13.81 -9.56
CA VAL A 95 26.21 -13.12 -8.77
C VAL A 95 24.89 -13.86 -8.97
N ALA A 96 24.17 -14.12 -7.88
CA ALA A 96 22.91 -14.85 -7.96
C ALA A 96 21.74 -14.02 -7.45
N PRO A 97 21.14 -13.18 -8.32
CA PRO A 97 20.01 -12.36 -7.89
C PRO A 97 18.68 -13.02 -8.19
N ILE A 98 17.62 -12.32 -7.78
CA ILE A 98 16.25 -12.72 -8.07
C ILE A 98 15.68 -11.39 -8.57
N ASP A 99 15.24 -11.38 -9.82
CA ASP A 99 14.69 -10.18 -10.43
C ASP A 99 13.16 -10.22 -10.40
N HIS A 100 12.56 -9.05 -10.23
CA HIS A 100 11.11 -8.93 -10.22
C HIS A 100 10.74 -7.93 -11.32
N PHE A 101 9.85 -8.36 -12.21
CA PHE A 101 9.39 -7.53 -13.32
C PHE A 101 7.90 -7.26 -13.19
N ARG A 102 7.47 -6.03 -13.47
CA ARG A 102 6.06 -5.69 -13.47
C ARG A 102 5.81 -5.17 -14.88
N PHE A 103 4.75 -5.67 -15.51
CA PHE A 103 4.42 -5.27 -16.88
C PHE A 103 3.17 -4.41 -16.95
N ASN A 104 3.09 -3.60 -18.01
CA ASN A 104 1.92 -2.76 -18.22
C ASN A 104 0.99 -3.46 -19.19
N GLY A 105 -0.15 -2.84 -19.49
CA GLY A 105 -1.10 -3.44 -20.39
C GLY A 105 -0.55 -3.70 -21.78
N ALA A 106 0.39 -2.87 -22.21
CA ALA A 106 1.00 -3.01 -23.52
C ALA A 106 2.04 -4.14 -23.59
N GLY A 107 2.32 -4.76 -22.44
CA GLY A 107 3.28 -5.85 -22.43
C GLY A 107 4.73 -5.44 -22.22
N LYS A 108 4.94 -4.16 -21.92
CA LYS A 108 6.30 -3.67 -21.69
C LYS A 108 6.60 -3.72 -20.20
N VAL A 109 7.88 -3.83 -19.86
CA VAL A 109 8.29 -3.86 -18.46
C VAL A 109 8.27 -2.44 -17.93
N VAL A 110 7.42 -2.19 -16.93
CA VAL A 110 7.34 -0.85 -16.34
C VAL A 110 8.20 -0.75 -15.10
N SER A 111 8.61 -1.89 -14.57
CA SER A 111 9.43 -1.88 -13.37
C SER A 111 10.27 -3.13 -13.20
N MET A 112 11.54 -2.93 -12.89
CA MET A 112 12.48 -4.01 -12.65
C MET A 112 13.19 -3.75 -11.35
N ARG A 113 13.26 -4.77 -10.51
CA ARG A 113 13.96 -4.68 -9.24
C ARG A 113 14.84 -5.91 -9.12
N ALA A 114 16.14 -5.69 -8.92
CA ALA A 114 17.09 -6.81 -8.80
C ALA A 114 17.45 -6.96 -7.33
N LEU A 115 16.97 -8.05 -6.73
CA LEU A 115 17.22 -8.29 -5.32
C LEU A 115 18.39 -9.23 -5.07
N PHE A 116 19.45 -8.71 -4.45
CA PHE A 116 20.63 -9.50 -4.12
C PHE A 116 21.51 -8.69 -3.18
N GLY A 117 22.20 -9.39 -2.27
CA GLY A 117 23.08 -8.72 -1.33
C GLY A 117 24.49 -9.26 -1.50
N GLU A 118 25.41 -8.83 -0.64
CA GLU A 118 26.80 -9.31 -0.75
C GLU A 118 26.92 -10.83 -0.64
N LYS A 119 26.05 -11.47 0.13
CA LYS A 119 26.12 -12.91 0.28
C LYS A 119 25.71 -13.63 -1.01
N ASN A 120 25.16 -12.89 -1.96
CA ASN A 120 24.74 -13.48 -3.25
C ASN A 120 25.77 -13.16 -4.34
N ILE A 121 26.88 -12.56 -3.92
CA ILE A 121 27.96 -12.23 -4.82
C ILE A 121 29.06 -13.22 -4.43
N HIS A 122 29.33 -14.19 -5.30
CA HIS A 122 30.32 -15.21 -5.01
C HIS A 122 31.63 -15.06 -5.76
N ALA A 123 32.69 -14.75 -5.02
CA ALA A 123 34.00 -14.57 -5.61
C ALA A 123 34.79 -15.87 -5.62
N GLY A 124 35.80 -15.94 -6.48
CA GLY A 124 36.63 -17.13 -6.57
C GLY A 124 36.55 -17.83 -7.91
N ALA A 125 35.41 -18.47 -8.16
CA ALA A 125 35.18 -19.20 -9.40
C ALA A 125 33.68 -19.32 -9.67
N MET B 1 18.68 -2.51 12.87
CA MET B 1 18.73 -2.72 11.39
C MET B 1 18.54 -4.18 11.03
N ASN B 2 17.91 -4.42 9.89
CA ASN B 2 17.69 -5.78 9.42
C ASN B 2 18.96 -6.30 8.77
N THR B 3 19.60 -7.27 9.42
CA THR B 3 20.81 -7.85 8.88
C THR B 3 20.44 -8.96 7.91
N PRO B 4 21.33 -9.28 6.97
CA PRO B 4 21.07 -10.33 5.99
C PRO B 4 20.89 -11.65 6.75
N GLU B 5 21.61 -11.79 7.86
CA GLU B 5 21.52 -13.00 8.67
C GLU B 5 20.14 -13.11 9.30
N HIS B 6 19.60 -11.99 9.77
CA HIS B 6 18.27 -12.04 10.37
C HIS B 6 17.20 -12.39 9.34
N MET B 7 17.22 -11.71 8.20
CA MET B 7 16.22 -11.98 7.18
C MET B 7 16.30 -13.42 6.67
N THR B 8 17.52 -13.91 6.52
CA THR B 8 17.71 -15.29 6.06
C THR B 8 17.20 -16.24 7.14
N ALA B 9 17.52 -15.95 8.40
CA ALA B 9 17.06 -16.80 9.51
C ALA B 9 15.54 -16.88 9.53
N VAL B 10 14.88 -15.74 9.32
CA VAL B 10 13.42 -15.71 9.32
C VAL B 10 12.85 -16.55 8.20
N VAL B 11 13.45 -16.47 7.01
CA VAL B 11 12.97 -17.28 5.89
C VAL B 11 13.10 -18.75 6.25
N GLN B 12 14.24 -19.13 6.81
CA GLN B 12 14.47 -20.52 7.20
C GLN B 12 13.44 -20.93 8.27
N ARG B 13 13.16 -20.03 9.21
CA ARG B 13 12.19 -20.32 10.25
C ARG B 13 10.79 -20.53 9.66
N PHE B 14 10.48 -19.72 8.65
CA PHE B 14 9.21 -19.76 7.96
C PHE B 14 9.03 -21.13 7.29
N VAL B 15 10.04 -21.57 6.56
CA VAL B 15 10.00 -22.87 5.88
C VAL B 15 9.92 -24.02 6.88
N ALA B 16 10.64 -23.92 7.98
CA ALA B 16 10.63 -24.96 9.01
C ALA B 16 9.27 -25.08 9.69
N ALA B 17 8.66 -23.93 9.99
CA ALA B 17 7.36 -23.93 10.65
C ALA B 17 6.29 -24.53 9.74
N LEU B 18 6.39 -24.25 8.44
CA LEU B 18 5.42 -24.81 7.49
C LEU B 18 5.57 -26.33 7.47
N ASN B 19 6.82 -26.81 7.46
CA ASN B 19 7.08 -28.24 7.46
C ASN B 19 6.55 -28.93 8.70
N ALA B 20 6.61 -28.23 9.84
CA ALA B 20 6.15 -28.78 11.10
C ALA B 20 4.67 -28.50 11.39
N GLY B 21 4.03 -27.72 10.53
CA GLY B 21 2.63 -27.39 10.75
C GLY B 21 2.48 -26.54 11.99
N ASP B 22 3.50 -25.73 12.26
CA ASP B 22 3.54 -24.86 13.43
C ASP B 22 2.88 -23.51 13.12
N LEU B 23 1.56 -23.48 13.19
CA LEU B 23 0.79 -22.28 12.93
C LEU B 23 1.24 -21.07 13.74
N ASP B 24 1.34 -21.22 15.07
CA ASP B 24 1.80 -20.10 15.90
C ASP B 24 3.21 -19.68 15.50
N GLY B 25 4.04 -20.67 15.16
CA GLY B 25 5.40 -20.39 14.77
C GLY B 25 5.47 -19.52 13.53
N ILE B 26 4.54 -19.73 12.60
CA ILE B 26 4.50 -18.95 11.37
C ILE B 26 4.00 -17.54 11.63
N VAL B 27 2.86 -17.43 12.30
CA VAL B 27 2.27 -16.12 12.57
C VAL B 27 3.19 -15.23 13.39
N ALA B 28 3.98 -15.83 14.26
CA ALA B 28 4.90 -15.07 15.11
C ALA B 28 5.90 -14.23 14.33
N LEU B 29 6.22 -14.65 13.10
CA LEU B 29 7.19 -13.92 12.28
C LEU B 29 6.65 -12.65 11.62
N PHE B 30 5.32 -12.53 11.60
CA PHE B 30 4.63 -11.39 10.99
C PHE B 30 4.22 -10.30 11.97
N ALA B 31 4.23 -9.06 11.50
CA ALA B 31 3.80 -7.93 12.33
C ALA B 31 2.29 -8.06 12.49
N ASP B 32 1.73 -7.46 13.53
CA ASP B 32 0.29 -7.58 13.74
C ASP B 32 -0.54 -6.91 12.66
N ASP B 33 0.08 -6.02 11.89
CA ASP B 33 -0.60 -5.33 10.81
C ASP B 33 0.01 -5.67 9.45
N ALA B 34 0.63 -6.85 9.36
CA ALA B 34 1.26 -7.30 8.13
C ALA B 34 0.25 -7.65 7.03
N THR B 35 0.74 -7.68 5.80
CA THR B 35 -0.11 -8.02 4.66
C THR B 35 0.46 -9.24 3.95
N VAL B 36 -0.43 -10.10 3.47
CA VAL B 36 -0.07 -11.29 2.72
C VAL B 36 -0.83 -11.27 1.41
N GLU B 37 -0.11 -11.42 0.30
CA GLU B 37 -0.75 -11.44 -1.02
C GLU B 37 -0.31 -12.74 -1.67
N ASN B 38 -1.14 -13.78 -1.52
CA ASN B 38 -0.82 -15.08 -2.11
C ASN B 38 -2.00 -15.73 -2.80
N PRO B 39 -1.90 -15.92 -4.13
CA PRO B 39 -0.74 -15.56 -4.94
C PRO B 39 -0.78 -14.10 -5.34
N VAL B 40 0.32 -13.62 -5.94
CA VAL B 40 0.39 -12.25 -6.43
C VAL B 40 -0.81 -12.05 -7.35
N GLY B 41 -1.49 -10.91 -7.23
CA GLY B 41 -2.64 -10.64 -8.07
C GLY B 41 -3.98 -10.87 -7.36
N SER B 42 -3.94 -11.54 -6.22
CA SER B 42 -5.15 -11.81 -5.47
C SER B 42 -5.38 -10.69 -4.46
N GLU B 43 -6.53 -10.75 -3.78
CA GLU B 43 -6.90 -9.77 -2.79
C GLU B 43 -5.97 -9.84 -1.57
N PRO B 44 -5.29 -8.73 -1.26
CA PRO B 44 -4.38 -8.74 -0.11
C PRO B 44 -5.15 -9.06 1.17
N ARG B 45 -4.51 -9.77 2.09
CA ARG B 45 -5.12 -10.13 3.38
C ARG B 45 -4.22 -9.50 4.44
N SER B 46 -4.80 -8.75 5.37
CA SER B 46 -3.98 -8.10 6.39
C SER B 46 -4.48 -8.29 7.81
N GLY B 47 -3.56 -8.19 8.76
CA GLY B 47 -3.92 -8.35 10.16
C GLY B 47 -3.70 -9.78 10.62
N THR B 48 -3.42 -9.95 11.91
CA THR B 48 -3.15 -11.27 12.46
C THR B 48 -4.24 -12.29 12.15
N ALA B 49 -5.49 -11.91 12.33
CA ALA B 49 -6.61 -12.82 12.08
C ALA B 49 -6.62 -13.39 10.66
N ALA B 50 -6.52 -12.51 9.68
CA ALA B 50 -6.54 -12.90 8.28
C ALA B 50 -5.32 -13.76 7.94
N ILE B 51 -4.16 -13.38 8.46
CA ILE B 51 -2.94 -14.13 8.21
C ILE B 51 -2.99 -15.53 8.85
N ARG B 52 -3.46 -15.59 10.09
CA ARG B 52 -3.57 -16.88 10.76
C ARG B 52 -4.53 -17.77 9.98
N GLU B 53 -5.64 -17.21 9.52
CA GLU B 53 -6.62 -18.01 8.78
C GLU B 53 -6.03 -18.53 7.47
N PHE B 54 -5.28 -17.69 6.78
CA PHE B 54 -4.67 -18.13 5.53
C PHE B 54 -3.77 -19.35 5.75
N TYR B 55 -2.89 -19.29 6.75
CA TYR B 55 -1.99 -20.40 7.01
C TYR B 55 -2.67 -21.63 7.58
N ALA B 56 -3.69 -21.44 8.41
CA ALA B 56 -4.43 -22.56 8.97
C ALA B 56 -5.06 -23.35 7.84
N ASN B 57 -5.68 -22.64 6.89
CA ASN B 57 -6.31 -23.31 5.76
C ASN B 57 -5.24 -24.02 4.93
N SER B 58 -4.10 -23.37 4.75
CA SER B 58 -3.02 -23.95 3.97
C SER B 58 -2.50 -25.23 4.62
N LEU B 59 -2.43 -25.22 5.94
CA LEU B 59 -1.92 -26.37 6.68
C LEU B 59 -2.87 -27.55 6.85
N LYS B 60 -4.07 -27.47 6.26
CA LYS B 60 -5.01 -28.58 6.38
C LYS B 60 -4.44 -29.83 5.70
N LEU B 61 -3.48 -29.63 4.82
CA LEU B 61 -2.79 -30.74 4.16
C LEU B 61 -1.34 -30.70 4.59
N PRO B 62 -0.70 -31.86 4.74
CA PRO B 62 0.70 -31.85 5.15
C PRO B 62 1.51 -31.21 4.02
N LEU B 63 2.35 -30.24 4.36
CA LEU B 63 3.15 -29.56 3.35
C LEU B 63 4.63 -29.88 3.49
N ALA B 64 5.26 -30.26 2.37
CA ALA B 64 6.68 -30.55 2.34
C ALA B 64 7.29 -29.33 1.66
N VAL B 65 7.99 -28.50 2.43
CA VAL B 65 8.57 -27.28 1.89
C VAL B 65 10.09 -27.28 2.01
N GLU B 66 10.77 -26.79 0.98
CA GLU B 66 12.21 -26.70 1.04
C GLU B 66 12.77 -25.61 0.14
N LEU B 67 13.77 -24.91 0.64
CA LEU B 67 14.43 -23.86 -0.13
C LEU B 67 15.23 -24.57 -1.22
N THR B 68 15.15 -24.06 -2.44
CA THR B 68 15.85 -24.68 -3.56
C THR B 68 17.10 -23.91 -3.99
N GLN B 69 17.27 -22.72 -3.41
CA GLN B 69 18.43 -21.87 -3.69
C GLN B 69 18.72 -20.98 -2.50
N GLU B 70 19.85 -20.28 -2.56
CA GLU B 70 20.25 -19.35 -1.51
C GLU B 70 19.22 -18.24 -1.40
N VAL B 71 19.05 -17.73 -0.19
CA VAL B 71 18.12 -16.64 0.06
C VAL B 71 18.78 -15.35 -0.42
N ARG B 72 17.98 -14.45 -0.99
CA ARG B 72 18.48 -13.17 -1.45
C ARG B 72 17.96 -12.15 -0.44
N ALA B 73 18.84 -11.34 0.11
CA ALA B 73 18.41 -10.35 1.09
C ALA B 73 19.26 -9.09 1.06
N VAL B 74 18.59 -7.95 1.09
CA VAL B 74 19.25 -6.65 1.05
C VAL B 74 18.22 -5.57 1.40
N ALA B 75 18.65 -4.48 2.00
CA ALA B 75 17.76 -3.37 2.33
C ALA B 75 16.35 -3.73 2.84
N ASN B 76 16.28 -4.42 3.98
CA ASN B 76 15.00 -4.75 4.58
C ASN B 76 14.05 -5.63 3.73
N GLU B 77 14.59 -6.30 2.72
CA GLU B 77 13.78 -7.16 1.87
C GLU B 77 14.50 -8.47 1.59
N ALA B 78 13.73 -9.53 1.37
CA ALA B 78 14.29 -10.83 1.05
C ALA B 78 13.42 -11.51 0.01
N ALA B 79 14.04 -12.35 -0.82
CA ALA B 79 13.32 -13.08 -1.83
C ALA B 79 13.93 -14.48 -1.85
N PHE B 80 13.09 -15.49 -2.01
CA PHE B 80 13.58 -16.85 -2.05
C PHE B 80 12.78 -17.76 -2.97
N ALA B 81 13.46 -18.74 -3.52
CA ALA B 81 12.85 -19.73 -4.41
C ALA B 81 12.74 -21.00 -3.59
N PHE B 82 11.63 -21.73 -3.75
CA PHE B 82 11.39 -22.95 -3.00
C PHE B 82 10.32 -23.80 -3.66
N ILE B 83 10.02 -24.93 -3.05
CA ILE B 83 8.97 -25.81 -3.56
C ILE B 83 8.06 -26.19 -2.40
N VAL B 84 6.80 -26.43 -2.72
CA VAL B 84 5.82 -26.86 -1.73
C VAL B 84 5.18 -28.10 -2.35
N SER B 85 5.38 -29.25 -1.72
CA SER B 85 4.84 -30.51 -2.22
C SER B 85 3.75 -31.07 -1.32
N PHE B 86 2.73 -31.67 -1.94
CA PHE B 86 1.61 -32.26 -1.21
C PHE B 86 0.77 -33.10 -2.17
N GLU B 87 -0.09 -33.95 -1.62
CA GLU B 87 -0.97 -34.78 -2.44
C GLU B 87 -2.37 -34.18 -2.38
N TYR B 88 -2.95 -33.89 -3.54
CA TYR B 88 -4.27 -33.29 -3.61
C TYR B 88 -5.10 -33.79 -4.78
N GLN B 89 -6.39 -34.03 -4.51
CA GLN B 89 -7.31 -34.53 -5.52
C GLN B 89 -6.75 -35.75 -6.26
N GLY B 90 -6.04 -36.60 -5.52
CA GLY B 90 -5.46 -37.80 -6.09
C GLY B 90 -4.26 -37.60 -6.98
N ARG B 91 -3.55 -36.49 -6.80
CA ARG B 91 -2.37 -36.22 -7.63
C ARG B 91 -1.25 -35.58 -6.81
N LYS B 92 -0.05 -36.15 -6.92
CA LYS B 92 1.10 -35.60 -6.21
C LYS B 92 1.39 -34.25 -6.85
N THR B 93 1.42 -33.20 -6.05
CA THR B 93 1.65 -31.85 -6.57
C THR B 93 2.87 -31.14 -6.00
N VAL B 94 3.58 -30.43 -6.88
CA VAL B 94 4.76 -29.66 -6.49
C VAL B 94 4.57 -28.24 -7.03
N VAL B 95 4.52 -27.26 -6.13
CA VAL B 95 4.36 -25.88 -6.55
C VAL B 95 5.72 -25.20 -6.33
N ALA B 96 6.15 -24.42 -7.31
CA ALA B 96 7.44 -23.75 -7.22
C ALA B 96 7.29 -22.24 -7.33
N PRO B 97 7.12 -21.56 -6.19
CA PRO B 97 6.97 -20.12 -6.26
C PRO B 97 8.26 -19.40 -5.88
N ILE B 98 8.20 -18.07 -5.94
CA ILE B 98 9.28 -17.21 -5.49
C ILE B 98 8.53 -16.25 -4.57
N ASP B 99 8.95 -16.19 -3.32
CA ASP B 99 8.31 -15.34 -2.32
C ASP B 99 9.17 -14.11 -2.09
N HIS B 100 8.52 -13.01 -1.70
CA HIS B 100 9.20 -11.76 -1.40
C HIS B 100 8.68 -11.27 -0.05
N PHE B 101 9.61 -10.95 0.84
CA PHE B 101 9.27 -10.44 2.17
C PHE B 101 9.80 -9.02 2.35
N ARG B 102 9.03 -8.19 3.03
CA ARG B 102 9.49 -6.85 3.37
C ARG B 102 9.47 -6.87 4.91
N PHE B 103 10.53 -6.36 5.54
CA PHE B 103 10.64 -6.34 6.99
C PHE B 103 10.57 -4.93 7.57
N ASN B 104 10.05 -4.80 8.79
CA ASN B 104 10.02 -3.48 9.41
C ASN B 104 11.21 -3.39 10.37
N GLY B 105 11.27 -2.29 11.12
CA GLY B 105 12.35 -2.09 12.06
C GLY B 105 12.54 -3.14 13.14
N ALA B 106 11.45 -3.77 13.55
CA ALA B 106 11.52 -4.79 14.60
C ALA B 106 11.83 -6.19 14.07
N GLY B 107 12.27 -6.26 12.82
CA GLY B 107 12.60 -7.55 12.23
C GLY B 107 11.42 -8.43 11.89
N LYS B 108 10.22 -7.86 11.91
CA LYS B 108 9.01 -8.62 11.59
C LYS B 108 8.68 -8.46 10.11
N VAL B 109 8.04 -9.48 9.53
CA VAL B 109 7.65 -9.41 8.14
C VAL B 109 6.39 -8.54 8.09
N VAL B 110 6.42 -7.44 7.34
CA VAL B 110 5.24 -6.58 7.25
C VAL B 110 4.49 -6.81 5.95
N SER B 111 5.14 -7.47 5.00
CA SER B 111 4.50 -7.72 3.73
C SER B 111 5.13 -8.90 3.02
N MET B 112 4.29 -9.82 2.55
CA MET B 112 4.79 -10.97 1.82
C MET B 112 3.91 -11.19 0.62
N ARG B 113 4.55 -11.54 -0.49
CA ARG B 113 3.86 -11.80 -1.73
C ARG B 113 4.44 -13.08 -2.28
N ALA B 114 3.56 -14.00 -2.68
CA ALA B 114 3.99 -15.28 -3.25
C ALA B 114 3.69 -15.25 -4.74
N LEU B 115 4.75 -15.18 -5.54
CA LEU B 115 4.59 -15.11 -7.00
C LEU B 115 4.76 -16.48 -7.65
N PHE B 116 3.64 -17.02 -8.13
CA PHE B 116 3.64 -18.31 -8.82
C PHE B 116 2.38 -18.36 -9.68
N GLY B 117 2.48 -19.01 -10.83
CA GLY B 117 1.35 -19.12 -11.73
C GLY B 117 1.01 -20.58 -11.99
N GLU B 118 -0.01 -20.80 -12.81
CA GLU B 118 -0.42 -22.17 -13.11
C GLU B 118 0.71 -23.00 -13.70
N LYS B 119 1.62 -22.34 -14.40
CA LYS B 119 2.74 -23.06 -14.99
C LYS B 119 3.80 -23.42 -13.95
N ASN B 120 3.60 -22.98 -12.71
CA ASN B 120 4.53 -23.28 -11.63
C ASN B 120 3.89 -24.32 -10.72
N ILE B 121 2.69 -24.74 -11.10
CA ILE B 121 1.94 -25.76 -10.36
C ILE B 121 2.09 -27.06 -11.14
N HIS B 122 2.86 -28.00 -10.59
CA HIS B 122 3.10 -29.25 -11.28
C HIS B 122 2.41 -30.45 -10.63
N ALA B 123 1.31 -30.87 -11.23
CA ALA B 123 0.55 -32.01 -10.72
C ALA B 123 0.96 -33.28 -11.45
N GLY B 124 1.12 -34.37 -10.70
CA GLY B 124 1.53 -35.63 -11.30
C GLY B 124 0.42 -36.60 -11.63
N ALA B 125 -0.74 -36.07 -11.98
CA ALA B 125 -1.91 -36.88 -12.33
C ALA B 125 -2.26 -37.90 -11.24
N MET C 1 -15.33 32.13 -3.87
CA MET C 1 -14.22 31.55 -3.06
C MET C 1 -14.68 31.21 -1.65
N ASN C 2 -13.87 30.44 -0.92
CA ASN C 2 -14.22 30.01 0.44
C ASN C 2 -13.17 30.30 1.51
N THR C 3 -13.61 30.91 2.60
CA THR C 3 -12.71 31.21 3.71
C THR C 3 -12.77 30.03 4.67
N PRO C 4 -11.74 29.88 5.52
CA PRO C 4 -11.75 28.75 6.46
C PRO C 4 -12.89 29.01 7.44
N GLU C 5 -13.08 30.28 7.80
CA GLU C 5 -14.16 30.66 8.71
C GLU C 5 -15.50 30.22 8.16
N HIS C 6 -15.71 30.43 6.87
CA HIS C 6 -16.97 30.05 6.27
C HIS C 6 -17.20 28.54 6.35
N MET C 7 -16.27 27.75 5.84
CA MET C 7 -16.44 26.30 5.87
C MET C 7 -16.58 25.74 7.28
N THR C 8 -15.85 26.33 8.22
CA THR C 8 -15.93 25.89 9.61
C THR C 8 -17.30 26.22 10.21
N ALA C 9 -17.81 27.40 9.90
CA ALA C 9 -19.12 27.83 10.39
C ALA C 9 -20.20 26.94 9.80
N VAL C 10 -20.06 26.59 8.52
CA VAL C 10 -21.04 25.73 7.87
C VAL C 10 -21.08 24.38 8.57
N VAL C 11 -19.90 23.84 8.91
CA VAL C 11 -19.87 22.57 9.61
C VAL C 11 -20.60 22.71 10.95
N GLN C 12 -20.35 23.79 11.66
CA GLN C 12 -21.01 24.01 12.95
C GLN C 12 -22.52 24.16 12.79
N ARG C 13 -22.95 24.86 11.75
CA ARG C 13 -24.38 25.04 11.50
C ARG C 13 -25.02 23.70 11.13
N PHE C 14 -24.25 22.87 10.44
CA PHE C 14 -24.71 21.54 10.03
C PHE C 14 -25.04 20.73 11.28
N VAL C 15 -24.07 20.62 12.19
CA VAL C 15 -24.25 19.87 13.43
C VAL C 15 -25.41 20.44 14.26
N ALA C 16 -25.46 21.77 14.36
CA ALA C 16 -26.51 22.44 15.10
C ALA C 16 -27.89 22.13 14.53
N ALA C 17 -28.00 22.17 13.20
CA ALA C 17 -29.27 21.90 12.54
C ALA C 17 -29.70 20.47 12.78
N LEU C 18 -28.73 19.54 12.79
CA LEU C 18 -29.07 18.14 13.03
C LEU C 18 -29.63 18.00 14.44
N ASN C 19 -28.97 18.63 15.40
CA ASN C 19 -29.44 18.57 16.78
C ASN C 19 -30.81 19.21 16.95
N ALA C 20 -31.10 20.23 16.17
CA ALA C 20 -32.39 20.93 16.26
C ALA C 20 -33.49 20.30 15.41
N GLY C 21 -33.12 19.34 14.57
CA GLY C 21 -34.10 18.70 13.72
C GLY C 21 -34.59 19.71 12.70
N ASP C 22 -33.70 20.63 12.35
CA ASP C 22 -33.99 21.69 11.39
C ASP C 22 -33.68 21.26 9.97
N LEU C 23 -34.63 20.57 9.35
CA LEU C 23 -34.47 20.07 7.99
C LEU C 23 -34.14 21.15 6.97
N ASP C 24 -34.88 22.25 7.00
CA ASP C 24 -34.66 23.35 6.06
C ASP C 24 -33.28 23.94 6.22
N GLY C 25 -32.85 24.10 7.47
CA GLY C 25 -31.54 24.67 7.73
C GLY C 25 -30.43 23.78 7.20
N ILE C 26 -30.64 22.46 7.29
CA ILE C 26 -29.66 21.51 6.79
C ILE C 26 -29.54 21.58 5.27
N VAL C 27 -30.68 21.51 4.60
CA VAL C 27 -30.72 21.56 3.14
C VAL C 27 -30.17 22.86 2.55
N ALA C 28 -30.38 23.98 3.25
CA ALA C 28 -29.93 25.28 2.79
C ALA C 28 -28.39 25.39 2.68
N LEU C 29 -27.68 24.50 3.34
CA LEU C 29 -26.22 24.52 3.29
C LEU C 29 -25.71 23.92 1.98
N PHE C 30 -26.55 23.10 1.34
CA PHE C 30 -26.17 22.41 0.11
C PHE C 30 -26.50 23.14 -1.18
N ALA C 31 -25.68 22.90 -2.20
CA ALA C 31 -25.88 23.48 -3.52
C ALA C 31 -27.06 22.76 -4.15
N ASP C 32 -27.66 23.35 -5.17
CA ASP C 32 -28.80 22.71 -5.81
C ASP C 32 -28.42 21.41 -6.50
N ASP C 33 -27.15 21.31 -6.90
CA ASP C 33 -26.66 20.11 -7.57
C ASP C 33 -25.71 19.32 -6.67
N ALA C 34 -25.90 19.46 -5.37
CA ALA C 34 -25.06 18.76 -4.41
C ALA C 34 -25.29 17.25 -4.47
N THR C 35 -24.27 16.51 -4.06
CA THR C 35 -24.31 15.06 -4.00
C THR C 35 -23.96 14.65 -2.58
N VAL C 36 -24.72 13.72 -2.02
CA VAL C 36 -24.46 13.21 -0.68
C VAL C 36 -24.21 11.71 -0.76
N GLU C 37 -23.05 11.27 -0.29
CA GLU C 37 -22.73 9.85 -0.32
C GLU C 37 -22.54 9.41 1.13
N ASN C 38 -23.60 8.80 1.68
CA ASN C 38 -23.61 8.35 3.06
C ASN C 38 -24.13 6.94 3.23
N PRO C 39 -23.24 5.98 3.51
CA PRO C 39 -21.81 6.22 3.67
C PRO C 39 -21.13 6.11 2.32
N VAL C 40 -19.84 6.39 2.28
CA VAL C 40 -19.06 6.26 1.07
C VAL C 40 -19.27 4.81 0.62
N GLY C 41 -19.53 4.59 -0.66
CA GLY C 41 -19.75 3.25 -1.16
C GLY C 41 -21.20 2.94 -1.45
N SER C 42 -22.11 3.77 -0.95
CA SER C 42 -23.52 3.58 -1.19
C SER C 42 -23.95 4.46 -2.35
N GLU C 43 -25.16 4.23 -2.86
CA GLU C 43 -25.65 5.04 -3.98
C GLU C 43 -25.83 6.48 -3.51
N PRO C 44 -25.21 7.44 -4.21
CA PRO C 44 -25.33 8.85 -3.83
C PRO C 44 -26.73 9.44 -3.96
N ARG C 45 -27.03 10.41 -3.10
CA ARG C 45 -28.30 11.12 -3.16
C ARG C 45 -27.93 12.40 -3.90
N SER C 46 -28.51 12.61 -5.08
CA SER C 46 -28.17 13.79 -5.86
C SER C 46 -29.30 14.79 -6.05
N GLY C 47 -29.01 16.06 -5.77
CA GLY C 47 -30.00 17.10 -5.94
C GLY C 47 -30.76 17.42 -4.67
N THR C 48 -31.33 18.62 -4.64
CA THR C 48 -32.08 19.11 -3.48
C THR C 48 -33.15 18.16 -2.96
N ALA C 49 -34.06 17.74 -3.83
CA ALA C 49 -35.14 16.85 -3.44
C ALA C 49 -34.66 15.56 -2.80
N ALA C 50 -33.67 14.92 -3.42
CA ALA C 50 -33.14 13.68 -2.90
C ALA C 50 -32.45 13.90 -1.56
N ILE C 51 -31.71 15.00 -1.45
CA ILE C 51 -31.01 15.31 -0.21
C ILE C 51 -32.01 15.60 0.91
N ARG C 52 -33.02 16.40 0.59
CA ARG C 52 -34.05 16.75 1.57
C ARG C 52 -34.71 15.47 2.08
N GLU C 53 -34.99 14.54 1.17
CA GLU C 53 -35.62 13.27 1.55
C GLU C 53 -34.72 12.48 2.51
N PHE C 54 -33.44 12.43 2.19
CA PHE C 54 -32.46 11.72 3.00
C PHE C 54 -32.40 12.23 4.44
N TYR C 55 -32.32 13.55 4.59
CA TYR C 55 -32.27 14.14 5.93
C TYR C 55 -33.62 14.09 6.62
N ALA C 56 -34.70 14.14 5.83
CA ALA C 56 -36.04 14.08 6.39
C ALA C 56 -36.19 12.73 7.09
N ASN C 57 -35.63 11.69 6.47
CA ASN C 57 -35.69 10.36 7.04
C ASN C 57 -34.70 10.18 8.18
N SER C 58 -33.53 10.79 8.04
CA SER C 58 -32.50 10.70 9.07
C SER C 58 -32.98 11.34 10.37
N LEU C 59 -33.77 12.40 10.24
CA LEU C 59 -34.29 13.11 11.40
C LEU C 59 -35.55 12.43 11.93
N LYS C 60 -35.82 11.23 11.41
CA LYS C 60 -36.98 10.45 11.83
C LYS C 60 -36.92 10.30 13.35
N LEU C 61 -35.75 9.90 13.82
CA LEU C 61 -35.50 9.74 15.25
C LEU C 61 -34.67 10.93 15.72
N PRO C 62 -34.71 11.23 17.02
CA PRO C 62 -33.93 12.37 17.55
C PRO C 62 -32.45 12.05 17.50
N LEU C 63 -31.64 13.03 17.08
CA LEU C 63 -30.20 12.82 16.99
C LEU C 63 -29.39 13.76 17.87
N ALA C 64 -28.34 13.21 18.48
CA ALA C 64 -27.44 13.98 19.32
C ALA C 64 -26.10 13.92 18.57
N VAL C 65 -25.67 15.04 18.03
CA VAL C 65 -24.42 15.09 17.27
C VAL C 65 -23.41 16.02 17.93
N GLU C 66 -22.16 15.56 18.02
CA GLU C 66 -21.09 16.35 18.63
C GLU C 66 -19.79 16.27 17.84
N LEU C 67 -19.16 17.40 17.59
CA LEU C 67 -17.87 17.43 16.89
C LEU C 67 -16.90 16.94 17.96
N THR C 68 -16.01 16.02 17.60
CA THR C 68 -15.07 15.47 18.57
C THR C 68 -13.65 16.00 18.44
N GLN C 69 -13.42 16.80 17.41
CA GLN C 69 -12.11 17.41 17.20
C GLN C 69 -12.28 18.70 16.41
N GLU C 70 -11.20 19.45 16.30
CA GLU C 70 -11.19 20.71 15.56
C GLU C 70 -11.50 20.40 14.11
N VAL C 71 -12.13 21.35 13.42
CA VAL C 71 -12.45 21.17 12.01
C VAL C 71 -11.20 21.45 11.17
N ARG C 72 -11.06 20.74 10.06
CA ARG C 72 -9.94 20.95 9.15
C ARG C 72 -10.55 21.56 7.89
N ALA C 73 -10.09 22.74 7.52
CA ALA C 73 -10.61 23.44 6.37
C ALA C 73 -9.52 24.13 5.57
N VAL C 74 -9.51 23.90 4.26
CA VAL C 74 -8.50 24.50 3.38
C VAL C 74 -8.92 24.31 1.92
N ALA C 75 -8.55 25.24 1.05
CA ALA C 75 -8.85 25.15 -0.38
C ALA C 75 -10.21 24.55 -0.77
N ASN C 76 -11.29 25.21 -0.41
CA ASN C 76 -12.65 24.79 -0.75
C ASN C 76 -13.08 23.43 -0.20
N GLU C 77 -12.36 22.91 0.79
CA GLU C 77 -12.72 21.63 1.36
C GLU C 77 -12.60 21.61 2.87
N ALA C 78 -13.39 20.76 3.51
CA ALA C 78 -13.34 20.64 4.96
C ALA C 78 -13.64 19.21 5.36
N ALA C 79 -13.02 18.77 6.44
CA ALA C 79 -13.25 17.43 6.94
C ALA C 79 -13.37 17.54 8.44
N PHE C 80 -14.22 16.69 9.03
CA PHE C 80 -14.40 16.73 10.46
C PHE C 80 -14.80 15.39 11.05
N ALA C 81 -14.39 15.18 12.29
CA ALA C 81 -14.69 13.97 13.05
C ALA C 81 -15.81 14.29 14.01
N PHE C 82 -16.72 13.35 14.20
CA PHE C 82 -17.85 13.57 15.09
C PHE C 82 -18.53 12.27 15.49
N ILE C 83 -19.55 12.40 16.33
CA ILE C 83 -20.31 11.24 16.75
C ILE C 83 -21.79 11.53 16.63
N VAL C 84 -22.57 10.49 16.34
CA VAL C 84 -24.01 10.64 16.21
C VAL C 84 -24.62 9.59 17.13
N SER C 85 -25.42 10.05 18.09
CA SER C 85 -26.04 9.14 19.05
C SER C 85 -27.55 9.12 18.95
N PHE C 86 -28.10 7.93 19.16
CA PHE C 86 -29.54 7.69 19.10
C PHE C 86 -29.81 6.34 19.77
N GLU C 87 -31.07 6.02 20.00
CA GLU C 87 -31.42 4.75 20.62
C GLU C 87 -32.25 3.91 19.67
N TYR C 88 -32.03 2.60 19.70
CA TYR C 88 -32.76 1.67 18.84
C TYR C 88 -33.31 0.48 19.61
N GLN C 89 -34.61 0.47 19.83
CA GLN C 89 -35.28 -0.62 20.54
C GLN C 89 -34.77 -0.79 21.96
N GLY C 90 -34.25 0.27 22.55
CA GLY C 90 -33.76 0.18 23.91
C GLY C 90 -32.30 0.57 24.08
N ARG C 91 -31.42 -0.10 23.36
CA ARG C 91 -29.99 0.20 23.47
C ARG C 91 -29.62 1.43 22.66
N LYS C 92 -28.66 2.19 23.18
CA LYS C 92 -28.19 3.39 22.53
C LYS C 92 -27.04 3.05 21.58
N THR C 93 -27.04 3.67 20.40
CA THR C 93 -26.01 3.42 19.42
C THR C 93 -25.24 4.70 19.10
N VAL C 94 -23.94 4.54 18.86
CA VAL C 94 -23.08 5.66 18.53
C VAL C 94 -22.29 5.39 17.26
N VAL C 95 -22.47 6.24 16.26
CA VAL C 95 -21.75 6.13 15.00
C VAL C 95 -20.73 7.26 14.98
N ALA C 96 -19.47 6.94 14.65
CA ALA C 96 -18.40 7.94 14.62
C ALA C 96 -17.76 8.06 13.25
N PRO C 97 -18.33 8.88 12.38
CA PRO C 97 -17.70 9.00 11.05
C PRO C 97 -16.75 10.17 10.94
N ILE C 98 -16.22 10.33 9.74
CA ILE C 98 -15.39 11.46 9.39
C ILE C 98 -16.08 11.90 8.11
N ASP C 99 -16.54 13.15 8.08
CA ASP C 99 -17.21 13.68 6.91
C ASP C 99 -16.25 14.54 6.11
N HIS C 100 -16.39 14.47 4.79
CA HIS C 100 -15.53 15.24 3.91
C HIS C 100 -16.47 16.12 3.06
N PHE C 101 -16.34 17.43 3.21
CA PHE C 101 -17.15 18.41 2.49
C PHE C 101 -16.35 19.11 1.39
N ARG C 102 -16.98 19.32 0.24
CA ARG C 102 -16.35 20.07 -0.84
C ARG C 102 -17.33 21.21 -1.10
N PHE C 103 -16.81 22.43 -1.13
CA PHE C 103 -17.63 23.63 -1.33
C PHE C 103 -17.46 24.23 -2.73
N ASN C 104 -18.55 24.74 -3.30
CA ASN C 104 -18.48 25.37 -4.60
C ASN C 104 -18.07 26.83 -4.39
N GLY C 105 -17.87 27.56 -5.48
CA GLY C 105 -17.45 28.95 -5.38
C GLY C 105 -18.37 29.84 -4.55
N ALA C 106 -19.65 29.55 -4.57
CA ALA C 106 -20.63 30.34 -3.84
C ALA C 106 -20.71 29.99 -2.35
N GLY C 107 -19.90 29.03 -1.92
CA GLY C 107 -19.90 28.66 -0.51
C GLY C 107 -20.89 27.61 -0.07
N LYS C 108 -21.55 26.95 -1.01
CA LYS C 108 -22.51 25.91 -0.66
C LYS C 108 -21.78 24.58 -0.76
N VAL C 109 -22.24 23.60 0.00
CA VAL C 109 -21.63 22.27 -0.05
C VAL C 109 -22.12 21.55 -1.30
N VAL C 110 -21.22 21.20 -2.20
CA VAL C 110 -21.60 20.51 -3.44
C VAL C 110 -21.33 19.02 -3.30
N SER C 111 -20.50 18.65 -2.32
CA SER C 111 -20.20 17.26 -2.07
C SER C 111 -19.99 16.95 -0.60
N MET C 112 -20.77 15.98 -0.10
CA MET C 112 -20.63 15.52 1.27
C MET C 112 -20.47 14.02 1.17
N ARG C 113 -19.37 13.51 1.71
CA ARG C 113 -19.12 12.07 1.68
C ARG C 113 -18.76 11.65 3.10
N ALA C 114 -19.61 10.80 3.67
CA ALA C 114 -19.42 10.33 5.03
C ALA C 114 -18.69 8.99 5.09
N LEU C 115 -17.52 8.99 5.72
CA LEU C 115 -16.74 7.76 5.83
C LEU C 115 -16.88 7.10 7.19
N PHE C 116 -17.43 5.90 7.19
CA PHE C 116 -17.58 5.12 8.42
C PHE C 116 -17.94 3.70 8.02
N GLY C 117 -17.44 2.75 8.79
CA GLY C 117 -17.72 1.35 8.52
C GLY C 117 -18.30 0.71 9.76
N GLU C 118 -18.58 -0.59 9.69
CA GLU C 118 -19.15 -1.29 10.82
C GLU C 118 -18.31 -1.10 12.09
N LYS C 119 -17.00 -0.99 11.91
CA LYS C 119 -16.12 -0.81 13.07
C LYS C 119 -16.30 0.55 13.75
N ASN C 120 -16.97 1.48 13.08
CA ASN C 120 -17.20 2.81 13.64
C ASN C 120 -18.61 2.94 14.21
N ILE C 121 -19.32 1.81 14.23
CA ILE C 121 -20.68 1.76 14.76
C ILE C 121 -20.59 1.01 16.09
N HIS C 122 -20.86 1.70 17.18
CA HIS C 122 -20.79 1.09 18.51
C HIS C 122 -22.16 1.06 19.18
N ALA C 123 -22.67 -0.14 19.41
CA ALA C 123 -23.96 -0.32 20.06
C ALA C 123 -23.84 -0.32 21.57
N GLY C 124 -23.95 0.87 22.17
CA GLY C 124 -23.85 0.98 23.61
C GLY C 124 -22.48 1.41 24.09
N ALA C 125 -21.70 2.04 23.21
CA ALA C 125 -20.37 2.49 23.56
C ALA C 125 -20.06 3.86 22.96
N MET D 1 -13.05 -3.39 -3.06
CA MET D 1 -12.82 -4.84 -2.77
C MET D 1 -11.92 -4.97 -1.54
N ASN D 2 -11.29 -3.86 -1.18
CA ASN D 2 -10.41 -3.79 -0.02
C ASN D 2 -11.17 -4.11 1.26
N THR D 3 -10.52 -4.83 2.16
CA THR D 3 -11.15 -5.14 3.44
C THR D 3 -10.84 -3.95 4.34
N PRO D 4 -11.75 -3.64 5.28
CA PRO D 4 -11.49 -2.51 6.18
C PRO D 4 -10.20 -2.79 6.96
N GLU D 5 -9.97 -4.07 7.23
CA GLU D 5 -8.77 -4.51 7.95
C GLU D 5 -7.51 -4.14 7.20
N HIS D 6 -7.48 -4.42 5.90
CA HIS D 6 -6.32 -4.09 5.11
C HIS D 6 -6.05 -2.58 5.09
N MET D 7 -7.08 -1.79 4.81
CA MET D 7 -6.88 -0.35 4.77
C MET D 7 -6.44 0.23 6.11
N THR D 8 -6.99 -0.29 7.19
CA THR D 8 -6.63 0.19 8.52
C THR D 8 -5.19 -0.20 8.80
N ALA D 9 -4.80 -1.40 8.39
CA ALA D 9 -3.44 -1.86 8.61
C ALA D 9 -2.47 -0.93 7.88
N VAL D 10 -2.82 -0.56 6.65
CA VAL D 10 -1.95 0.33 5.87
C VAL D 10 -1.83 1.70 6.52
N VAL D 11 -2.93 2.21 7.06
CA VAL D 11 -2.91 3.50 7.73
C VAL D 11 -1.94 3.40 8.93
N GLN D 12 -2.10 2.35 9.73
CA GLN D 12 -1.23 2.15 10.88
C GLN D 12 0.25 2.01 10.49
N ARG D 13 0.50 1.27 9.41
CA ARG D 13 1.87 1.07 8.94
C ARG D 13 2.45 2.38 8.41
N PHE D 14 1.58 3.18 7.80
CA PHE D 14 1.96 4.48 7.25
C PHE D 14 2.48 5.37 8.38
N VAL D 15 1.69 5.48 9.45
CA VAL D 15 2.06 6.29 10.61
C VAL D 15 3.34 5.76 11.26
N ALA D 16 3.42 4.44 11.39
CA ALA D 16 4.60 3.82 11.98
C ALA D 16 5.83 4.17 11.14
N ALA D 17 5.70 4.00 9.83
CA ALA D 17 6.80 4.30 8.92
C ALA D 17 7.24 5.75 9.02
N LEU D 18 6.28 6.67 9.18
CA LEU D 18 6.62 8.07 9.31
C LEU D 18 7.45 8.27 10.59
N ASN D 19 7.02 7.61 11.67
CA ASN D 19 7.72 7.69 12.95
C ASN D 19 9.13 7.09 12.82
N ALA D 20 9.23 6.01 12.05
CA ALA D 20 10.50 5.33 11.86
C ALA D 20 11.36 5.96 10.78
N GLY D 21 10.81 6.96 10.09
CA GLY D 21 11.55 7.62 9.03
C GLY D 21 11.91 6.66 7.92
N ASP D 22 11.08 5.65 7.74
CA ASP D 22 11.30 4.63 6.72
C ASP D 22 10.73 5.06 5.36
N LEU D 23 11.54 5.79 4.59
CA LEU D 23 11.13 6.28 3.28
C LEU D 23 10.62 5.19 2.35
N ASP D 24 11.44 4.17 2.13
CA ASP D 24 11.07 3.07 1.26
C ASP D 24 9.81 2.35 1.70
N GLY D 25 9.59 2.27 3.01
CA GLY D 25 8.41 1.61 3.53
C GLY D 25 7.14 2.39 3.22
N ILE D 26 7.25 3.71 3.33
CA ILE D 26 6.13 4.60 3.04
C ILE D 26 5.76 4.51 1.57
N VAL D 27 6.76 4.69 0.71
CA VAL D 27 6.53 4.66 -0.73
C VAL D 27 5.96 3.34 -1.27
N ALA D 28 6.38 2.21 -0.69
CA ALA D 28 5.89 0.92 -1.16
C ALA D 28 4.39 0.75 -0.96
N LEU D 29 3.80 1.60 -0.13
CA LEU D 29 2.37 1.54 0.15
C LEU D 29 1.53 2.20 -0.94
N PHE D 30 2.19 2.96 -1.81
CA PHE D 30 1.53 3.68 -2.90
C PHE D 30 1.61 2.98 -4.25
N ALA D 31 0.64 3.26 -5.10
CA ALA D 31 0.58 2.70 -6.46
C ALA D 31 1.49 3.56 -7.34
N ASP D 32 1.90 3.02 -8.49
CA ASP D 32 2.78 3.74 -9.40
C ASP D 32 2.15 4.98 -10.01
N ASP D 33 0.83 4.98 -10.11
CA ASP D 33 0.12 6.12 -10.68
C ASP D 33 -0.61 6.90 -9.59
N ALA D 34 -0.12 6.76 -8.34
CA ALA D 34 -0.72 7.44 -7.21
C ALA D 34 -0.49 8.93 -7.20
N THR D 35 -1.33 9.66 -6.46
CA THR D 35 -1.20 11.11 -6.34
C THR D 35 -1.24 11.53 -4.88
N VAL D 36 -0.33 12.42 -4.50
CA VAL D 36 -0.26 12.94 -3.14
C VAL D 36 -0.55 14.43 -3.17
N GLU D 37 -1.54 14.86 -2.41
CA GLU D 37 -1.90 16.29 -2.35
C GLU D 37 -1.84 16.66 -0.88
N ASN D 38 -0.70 17.18 -0.46
CA ASN D 38 -0.48 17.56 0.93
C ASN D 38 0.20 18.93 0.99
N PRO D 39 -0.53 19.96 1.45
CA PRO D 39 -1.93 19.90 1.89
C PRO D 39 -2.89 20.00 0.71
N VAL D 40 -4.16 19.71 0.95
CA VAL D 40 -5.16 19.84 -0.09
C VAL D 40 -5.04 21.29 -0.57
N GLY D 41 -5.01 21.48 -1.89
CA GLY D 41 -4.87 22.82 -2.43
C GLY D 41 -3.51 23.06 -3.06
N SER D 42 -2.51 22.29 -2.64
CA SER D 42 -1.18 22.46 -3.21
C SER D 42 -1.05 21.62 -4.47
N GLU D 43 0.07 21.78 -5.17
CA GLU D 43 0.30 21.03 -6.40
C GLU D 43 0.28 19.52 -6.22
N PRO D 44 -0.56 18.82 -7.00
CA PRO D 44 -0.63 17.36 -6.87
C PRO D 44 0.71 16.74 -7.26
N ARG D 45 1.19 15.82 -6.42
CA ARG D 45 2.46 15.14 -6.68
C ARG D 45 2.09 13.72 -7.11
N SER D 46 2.33 13.41 -8.39
CA SER D 46 1.98 12.10 -8.91
C SER D 46 3.15 11.33 -9.49
N GLY D 47 3.07 10.01 -9.41
CA GLY D 47 4.14 9.17 -9.90
C GLY D 47 5.09 8.87 -8.76
N THR D 48 5.67 7.67 -8.75
CA THR D 48 6.57 7.27 -7.68
C THR D 48 7.70 8.26 -7.44
N ALA D 49 8.32 8.71 -8.52
CA ALA D 49 9.41 9.68 -8.44
C ALA D 49 9.02 10.88 -7.59
N ALA D 50 7.89 11.51 -7.93
CA ALA D 50 7.42 12.69 -7.21
C ALA D 50 7.05 12.35 -5.77
N ILE D 51 6.41 11.19 -5.57
CA ILE D 51 6.01 10.78 -4.23
C ILE D 51 7.24 10.52 -3.37
N ARG D 52 8.24 9.90 -3.98
CA ARG D 52 9.49 9.60 -3.28
C ARG D 52 10.15 10.91 -2.83
N GLU D 53 10.13 11.91 -3.71
CA GLU D 53 10.73 13.20 -3.39
C GLU D 53 9.97 13.91 -2.28
N PHE D 54 8.64 13.82 -2.31
CA PHE D 54 7.83 14.46 -1.30
C PHE D 54 8.15 13.94 0.09
N TYR D 55 8.15 12.62 0.24
CA TYR D 55 8.41 12.03 1.54
C TYR D 55 9.87 12.13 1.98
N ALA D 56 10.80 12.05 1.02
CA ALA D 56 12.21 12.18 1.36
C ALA D 56 12.42 13.53 2.02
N ASN D 57 11.80 14.57 1.45
CA ASN D 57 11.91 15.91 1.98
C ASN D 57 11.15 16.07 3.29
N SER D 58 9.96 15.48 3.36
CA SER D 58 9.13 15.55 4.57
C SER D 58 9.83 14.89 5.77
N LEU D 59 10.72 13.95 5.49
CA LEU D 59 11.42 13.26 6.56
C LEU D 59 12.76 13.89 6.93
N LYS D 60 13.01 15.11 6.42
CA LYS D 60 14.25 15.81 6.75
C LYS D 60 14.32 16.03 8.25
N LEU D 61 13.16 16.15 8.89
CA LEU D 61 13.08 16.37 10.32
C LEU D 61 12.36 15.21 11.02
N PRO D 62 12.77 14.89 12.25
CA PRO D 62 12.15 13.79 13.00
C PRO D 62 10.68 14.09 13.26
N LEU D 63 9.81 13.15 12.91
CA LEU D 63 8.38 13.35 13.09
C LEU D 63 7.76 12.42 14.13
N ALA D 64 6.92 12.99 14.98
CA ALA D 64 6.22 12.23 16.00
C ALA D 64 4.79 12.19 15.49
N VAL D 65 4.36 11.04 14.99
CA VAL D 65 3.00 10.90 14.44
C VAL D 65 2.11 10.04 15.34
N GLU D 66 0.88 10.49 15.55
CA GLU D 66 -0.04 9.74 16.40
C GLU D 66 -1.49 9.78 15.93
N LEU D 67 -2.09 8.60 15.79
CA LEU D 67 -3.50 8.54 15.40
C LEU D 67 -4.21 9.06 16.65
N THR D 68 -5.17 9.95 16.47
CA THR D 68 -5.89 10.51 17.61
C THR D 68 -7.28 9.92 17.78
N GLN D 69 -7.73 9.14 16.80
CA GLN D 69 -9.04 8.48 16.87
C GLN D 69 -9.01 7.21 16.04
N GLU D 70 -10.12 6.46 16.09
CA GLU D 70 -10.23 5.22 15.33
C GLU D 70 -10.23 5.55 13.84
N VAL D 71 -9.67 4.64 13.05
CA VAL D 71 -9.61 4.81 11.60
C VAL D 71 -11.00 4.54 11.02
N ARG D 72 -11.37 5.30 10.00
CA ARG D 72 -12.66 5.09 9.34
C ARG D 72 -12.34 4.45 8.00
N ALA D 73 -12.82 3.22 7.79
CA ALA D 73 -12.55 2.52 6.56
C ALA D 73 -13.80 1.86 5.99
N VAL D 74 -14.05 2.08 4.71
CA VAL D 74 -15.22 1.49 4.05
C VAL D 74 -15.03 1.60 2.54
N ALA D 75 -15.60 0.65 1.81
CA ALA D 75 -15.47 0.61 0.37
C ALA D 75 -13.99 0.51 0.05
N ASN D 76 -13.46 1.44 -0.73
CA ASN D 76 -12.04 1.42 -1.08
C ASN D 76 -11.36 2.66 -0.55
N GLU D 77 -11.91 3.22 0.52
CA GLU D 77 -11.36 4.44 1.11
C GLU D 77 -11.18 4.40 2.61
N ALA D 78 -10.30 5.27 3.12
CA ALA D 78 -10.05 5.37 4.56
C ALA D 78 -9.73 6.81 4.88
N ALA D 79 -10.11 7.24 6.08
CA ALA D 79 -9.86 8.60 6.53
C ALA D 79 -9.45 8.50 7.98
N PHE D 80 -8.52 9.34 8.41
CA PHE D 80 -8.09 9.29 9.78
C PHE D 80 -7.62 10.63 10.30
N ALA D 81 -7.80 10.82 11.61
CA ALA D 81 -7.40 12.04 12.30
C ALA D 81 -6.10 11.71 13.01
N PHE D 82 -5.17 12.66 13.02
CA PHE D 82 -3.88 12.43 13.65
C PHE D 82 -3.11 13.72 13.83
N ILE D 83 -1.97 13.64 14.52
CA ILE D 83 -1.12 14.80 14.72
C ILE D 83 0.28 14.46 14.25
N VAL D 84 0.99 15.47 13.77
CA VAL D 84 2.37 15.30 13.32
C VAL D 84 3.12 16.39 14.07
N SER D 85 4.08 15.98 14.90
CA SER D 85 4.85 16.94 15.68
C SER D 85 6.31 16.94 15.27
N PHE D 86 6.90 18.13 15.27
CA PHE D 86 8.31 18.27 14.89
C PHE D 86 8.85 19.57 15.46
N GLU D 87 10.17 19.67 15.44
CA GLU D 87 10.84 20.85 15.96
C GLU D 87 11.71 21.48 14.88
N TYR D 88 11.68 22.81 14.81
CA TYR D 88 12.47 23.54 13.84
C TYR D 88 13.00 24.79 14.51
N GLN D 89 14.32 24.94 14.51
CA GLN D 89 14.96 26.10 15.14
C GLN D 89 14.40 26.38 16.53
N GLY D 90 14.27 25.33 17.33
CA GLY D 90 13.76 25.47 18.69
C GLY D 90 12.28 25.67 18.84
N ARG D 91 11.55 25.78 17.73
CA ARG D 91 10.11 25.98 17.81
C ARG D 91 9.33 24.71 17.50
N LYS D 92 8.61 24.19 18.51
CA LYS D 92 7.82 22.98 18.35
C LYS D 92 6.46 23.27 17.71
N THR D 93 6.05 22.41 16.80
CA THR D 93 4.78 22.55 16.12
C THR D 93 4.02 21.23 16.12
N VAL D 94 2.69 21.32 16.18
CA VAL D 94 1.84 20.14 16.16
C VAL D 94 0.77 20.38 15.10
N VAL D 95 0.83 19.60 14.02
CA VAL D 95 -0.14 19.73 12.95
C VAL D 95 -1.19 18.65 13.16
N ALA D 96 -2.45 19.00 13.02
CA ALA D 96 -3.54 18.05 13.22
C ALA D 96 -4.41 17.97 11.96
N PRO D 97 -4.03 17.14 11.00
CA PRO D 97 -4.85 17.05 9.79
C PRO D 97 -5.74 15.83 9.83
N ILE D 98 -6.51 15.67 8.77
CA ILE D 98 -7.35 14.51 8.57
C ILE D 98 -6.93 14.10 7.16
N ASP D 99 -6.43 12.87 7.03
CA ASP D 99 -5.99 12.34 5.75
C ASP D 99 -7.09 11.52 5.13
N HIS D 100 -7.12 11.49 3.80
CA HIS D 100 -8.10 10.71 3.06
C HIS D 100 -7.34 9.86 2.05
N PHE D 101 -7.48 8.54 2.18
CA PHE D 101 -6.83 7.57 1.30
C PHE D 101 -7.82 6.86 0.39
N ARG D 102 -7.44 6.61 -0.85
CA ARG D 102 -8.27 5.83 -1.77
C ARG D 102 -7.35 4.68 -2.19
N PHE D 103 -7.88 3.46 -2.19
CA PHE D 103 -7.08 2.28 -2.54
C PHE D 103 -7.55 1.61 -3.83
N ASN D 104 -6.65 0.88 -4.50
CA ASN D 104 -7.05 0.14 -5.70
C ASN D 104 -7.24 -1.33 -5.33
N GLY D 105 -7.57 -2.18 -6.30
CA GLY D 105 -7.80 -3.59 -6.02
C GLY D 105 -6.58 -4.33 -5.52
N ALA D 106 -5.40 -3.74 -5.71
CA ALA D 106 -4.15 -4.34 -5.26
C ALA D 106 -3.81 -3.91 -3.83
N GLY D 107 -4.74 -3.19 -3.21
CA GLY D 107 -4.53 -2.74 -1.84
C GLY D 107 -3.50 -1.65 -1.71
N LYS D 108 -3.18 -1.00 -2.83
CA LYS D 108 -2.21 0.08 -2.83
C LYS D 108 -2.95 1.43 -2.87
N VAL D 109 -2.35 2.43 -2.24
CA VAL D 109 -2.93 3.77 -2.20
C VAL D 109 -2.75 4.47 -3.54
N VAL D 110 -3.85 4.95 -4.13
CA VAL D 110 -3.79 5.65 -5.41
C VAL D 110 -4.01 7.15 -5.21
N SER D 111 -4.55 7.51 -4.05
CA SER D 111 -4.78 8.91 -3.73
C SER D 111 -4.57 9.16 -2.24
N MET D 112 -3.80 10.19 -1.93
CA MET D 112 -3.50 10.56 -0.56
C MET D 112 -3.67 12.07 -0.47
N ARG D 113 -4.71 12.51 0.24
CA ARG D 113 -4.95 13.94 0.38
C ARG D 113 -5.01 14.34 1.85
N ALA D 114 -4.10 15.22 2.25
CA ALA D 114 -4.02 15.69 3.63
C ALA D 114 -4.76 17.00 3.80
N LEU D 115 -5.83 16.98 4.59
CA LEU D 115 -6.60 18.19 4.79
C LEU D 115 -6.31 18.88 6.12
N PHE D 116 -5.67 20.03 6.03
CA PHE D 116 -5.33 20.84 7.19
C PHE D 116 -5.04 22.26 6.71
N GLY D 117 -5.48 23.24 7.51
CA GLY D 117 -5.24 24.63 7.18
C GLY D 117 -4.44 25.30 8.28
N GLU D 118 -4.26 26.61 8.18
CA GLU D 118 -3.50 27.36 9.19
C GLU D 118 -3.96 27.08 10.63
N LYS D 119 -5.27 27.05 10.84
CA LYS D 119 -5.82 26.80 12.18
C LYS D 119 -5.50 25.40 12.70
N ASN D 120 -5.05 24.52 11.82
CA ASN D 120 -4.72 23.15 12.23
C ASN D 120 -3.21 23.00 12.42
N ILE D 121 -2.50 24.12 12.34
CA ILE D 121 -1.06 24.14 12.54
C ILE D 121 -0.87 24.87 13.86
N HIS D 122 -0.61 24.12 14.92
CA HIS D 122 -0.45 24.70 16.25
C HIS D 122 0.97 24.71 16.80
N ALA D 123 1.23 25.65 17.69
CA ALA D 123 2.54 25.77 18.31
C ALA D 123 2.62 24.76 19.45
N GLY D 124 3.72 24.04 19.53
CA GLY D 124 3.90 23.05 20.58
C GLY D 124 4.40 23.65 21.88
N ALA D 125 5.40 24.53 21.78
CA ALA D 125 5.97 25.19 22.96
C ALA D 125 6.51 24.17 23.96
C1 5SD E . 25.40 -7.75 -9.76
C2 5SD E . 26.68 -7.23 -8.97
C3 5SD E . 27.92 -7.14 -9.82
O3 5SD E . 29.01 -7.47 -9.37
C4 5SD E . 27.80 -6.73 -11.17
C5 5SD E . 26.53 -7.26 -11.96
C6 5SD E . 26.44 -6.56 -13.32
C7 5SD E . 25.18 -7.09 -14.09
C8 5SD E . 23.85 -6.89 -13.30
C9 5SD E . 23.97 -7.60 -11.90
C10 5SD E . 25.22 -7.02 -11.10
C11 5SD E . 22.63 -7.44 -11.12
C12 5SD E . 21.40 -8.02 -11.96
C13 5SD E . 21.30 -7.24 -13.29
C14 5SD E . 22.62 -7.46 -14.07
C15 5SD E . 22.31 -6.92 -15.45
C16 5SD E . 20.87 -7.62 -15.70
C17 5SD E . 20.31 -7.84 -14.31
O17 5SD E . 19.25 -8.34 -14.07
C18 5SD E . 20.85 -5.81 -13.06
C19 5SD E . 24.97 -5.48 -10.78
C1 5SD F . 0.03 -23.12 -3.55
C2 5SD F . -1.28 -23.76 -4.18
C3 5SD F . -1.93 -24.86 -3.37
O3 5SD F . -2.64 -25.70 -3.91
C4 5SD F . -1.74 -24.90 -1.97
C5 5SD F . -0.43 -24.27 -1.35
C6 5SD F . -0.58 -24.11 0.15
C7 5SD F . 0.71 -23.50 0.75
C8 5SD F . 1.07 -22.10 0.14
C9 5SD F . 1.22 -22.27 -1.42
C10 5SD F . -0.13 -22.87 -2.04
C11 5SD F . 1.63 -20.90 -2.04
C12 5SD F . 2.95 -20.32 -1.38
C13 5SD F . 2.73 -20.14 0.14
C14 5SD F . 2.38 -21.52 0.75
C15 5SD F . 2.46 -21.28 2.24
C16 5SD F . 3.87 -20.51 2.32
C17 5SD F . 4.00 -19.84 0.97
O17 5SD F . 4.93 -19.16 0.64
C18 5SD F . 1.79 -18.98 0.44
C19 5SD F . -1.31 -21.82 -1.83
C1 5SD G . -25.57 6.28 10.79
C2 5SD G . -26.34 4.89 10.91
C3 5SD G . -27.71 4.94 11.54
O3 5SD G . -28.21 3.93 12.03
C4 5SD G . -28.44 6.16 11.58
C5 5SD G . -27.65 7.54 11.47
C6 5SD G . -28.62 8.67 11.14
C7 5SD G . -27.85 10.01 11.03
C8 5SD G . -26.71 10.00 9.97
C9 5SD G . -25.71 8.83 10.31
C10 5SD G . -26.50 7.42 10.37
C11 5SD G . -24.55 8.81 9.28
C12 5SD G . -23.81 10.23 9.21
C13 5SD G . -24.83 11.32 8.83
C14 5SD G . -25.94 11.35 9.90
C15 5SD G . -26.70 12.62 9.58
C16 5SD G . -25.48 13.66 9.39
C17 5SD G . -24.31 12.78 8.96
O17 5SD G . -23.22 13.20 8.73
C18 5SD G . -25.26 11.19 7.38
C19 5SD G . -27.07 7.10 8.92
#